data_4EA5
#
_entry.id   4EA5
#
_cell.length_a   38.490
_cell.length_b   99.760
_cell.length_c   53.480
_cell.angle_alpha   90.00
_cell.angle_beta   90.00
_cell.angle_gamma   90.00
#
_symmetry.space_group_name_H-M   'P 21 21 21'
#
loop_
_entity.id
_entity.type
_entity.pdbx_description
1 polymer 'Methyl-CpG-binding domain protein 4'
2 polymer "DNA (5'-D(*CP*CP*AP*GP*CP*GP*(5HU)*GP*CP*AP*GP*C)-3')"
3 polymer "DNA (5'-D(*GP*CP*TP*GP*CP*GP*CP*GP*CP*TP*GP*G)-3')"
4 water water
#
loop_
_entity_poly.entity_id
_entity_poly.type
_entity_poly.pdbx_seq_one_letter_code
_entity_poly.pdbx_strand_id
1 'polypeptide(L)'
;MLSPPRRKAFKKWTPPRSPFNLVQETLFHDPWKLLIATIFLNRTSGKMAIPVLWKFLEKYPSAEVARTADWRDVSELLKP
LGLYDLRAKTIVKFSDEYLTKQWKYPIELHGIGKYGNDSYRIFCVNEWKQVHPEAHKLNKYHDWLWENHEKLSLSHHHHH
;
A
2 'polydeoxyribonucleotide' (DC)(DC)(DA)(DG)(DC)(DG)(5HU)(DG)(DC)(DA)(DG)(DC) C
3 'polydeoxyribonucleotide' (DG)(DC)(DT)(DG)(DC)(DG)(DC)(DG)(DC)(DT)(DG)(DG) D
#
# COMPACT_ATOMS: atom_id res chain seq x y z
N THR A 14 -15.32 6.87 -6.79
CA THR A 14 -15.09 6.82 -5.35
C THR A 14 -15.65 5.52 -4.74
N PRO A 15 -14.80 4.68 -4.09
CA PRO A 15 -15.29 3.43 -3.49
C PRO A 15 -16.48 3.62 -2.54
N PRO A 16 -17.50 2.73 -2.59
CA PRO A 16 -18.69 2.93 -1.74
C PRO A 16 -18.43 2.55 -0.30
N ARG A 17 -19.44 2.77 0.58
CA ARG A 17 -19.38 2.40 1.99
C ARG A 17 -19.48 0.88 2.00
N SER A 18 -18.67 0.22 2.82
CA SER A 18 -18.62 -1.24 2.83
C SER A 18 -18.57 -1.80 4.26
N PRO A 19 -18.97 -3.07 4.49
CA PRO A 19 -18.81 -3.65 5.85
C PRO A 19 -17.35 -4.06 6.15
N PHE A 20 -16.41 -3.71 5.28
CA PHE A 20 -15.03 -4.15 5.40
C PHE A 20 -14.13 -3.21 6.14
N ASN A 21 -13.14 -3.76 6.84
CA ASN A 21 -12.15 -2.97 7.57
C ASN A 21 -10.84 -2.96 6.76
N LEU A 22 -10.81 -2.20 5.68
CA LEU A 22 -9.62 -2.11 4.83
C LEU A 22 -9.04 -0.74 4.89
N VAL A 23 -7.71 -0.65 5.21
CA VAL A 23 -7.01 0.61 5.24
C VAL A 23 -7.04 1.32 3.85
N GLN A 24 -7.13 0.55 2.73
CA GLN A 24 -7.21 1.08 1.36
C GLN A 24 -8.37 2.10 1.17
N GLU A 25 -9.52 1.88 1.88
CA GLU A 25 -10.72 2.74 1.82
C GLU A 25 -10.46 4.09 2.44
N THR A 26 -9.43 4.19 3.26
CA THR A 26 -9.14 5.49 3.80
C THR A 26 -8.04 6.18 3.02
N LEU A 27 -7.17 5.42 2.37
CA LEU A 27 -5.94 5.91 1.71
C LEU A 27 -5.94 6.07 0.20
N PHE A 28 -7.01 5.62 -0.47
CA PHE A 28 -7.18 5.56 -1.92
C PHE A 28 -6.94 6.86 -2.70
N HIS A 29 -7.16 8.03 -2.07
CA HIS A 29 -6.93 9.35 -2.73
C HIS A 29 -5.47 9.57 -2.97
N ASP A 30 -4.61 9.03 -2.08
CA ASP A 30 -3.17 9.13 -2.30
C ASP A 30 -2.67 7.73 -2.69
N PRO A 31 -2.51 7.42 -4.01
CA PRO A 31 -2.03 6.08 -4.40
C PRO A 31 -0.76 5.65 -3.68
N TRP A 32 0.17 6.59 -3.47
CA TRP A 32 1.42 6.31 -2.78
C TRP A 32 1.17 5.76 -1.37
N LYS A 33 0.27 6.41 -0.58
CA LYS A 33 -0.03 5.97 0.82
C LYS A 33 -0.63 4.59 0.83
N LEU A 34 -1.56 4.35 -0.11
CA LEU A 34 -2.22 3.05 -0.30
C LEU A 34 -1.14 2.01 -0.58
N LEU A 35 -0.22 2.31 -1.50
CA LEU A 35 0.83 1.35 -1.82
C LEU A 35 1.79 1.08 -0.66
N ILE A 36 2.10 2.12 0.13
CA ILE A 36 2.94 2.00 1.31
C ILE A 36 2.22 1.07 2.33
N ALA A 37 0.89 1.25 2.52
CA ALA A 37 0.12 0.38 3.42
C ALA A 37 0.27 -1.09 3.06
N THR A 38 0.26 -1.41 1.73
CA THR A 38 0.40 -2.77 1.23
C THR A 38 1.78 -3.33 1.55
N ILE A 39 2.82 -2.46 1.55
CA ILE A 39 4.18 -2.85 1.93
C ILE A 39 4.17 -3.14 3.44
N PHE A 40 3.54 -2.27 4.26
CA PHE A 40 3.44 -2.53 5.70
C PHE A 40 2.72 -3.80 6.02
N LEU A 41 1.65 -4.10 5.28
CA LEU A 41 0.82 -5.29 5.53
C LEU A 41 1.42 -6.61 5.11
N ASN A 42 2.39 -6.59 4.19
CA ASN A 42 3.03 -7.81 3.75
C ASN A 42 3.70 -8.59 4.89
N ARG A 43 3.26 -9.85 5.13
CA ARG A 43 3.81 -10.79 6.13
C ARG A 43 3.85 -10.18 7.51
N THR A 44 2.88 -9.32 7.78
CA THR A 44 2.83 -8.61 9.05
C THR A 44 1.40 -8.55 9.49
N SER A 45 1.19 -8.60 10.79
CA SER A 45 -0.13 -8.48 11.36
C SER A 45 -0.61 -7.03 11.19
N GLY A 46 -1.83 -6.90 10.67
CA GLY A 46 -2.47 -5.59 10.49
C GLY A 46 -2.60 -4.83 11.79
N LYS A 47 -2.73 -5.56 12.92
CA LYS A 47 -2.83 -4.98 14.26
C LYS A 47 -1.59 -4.17 14.60
N MET A 48 -0.44 -4.66 14.16
CA MET A 48 0.87 -4.03 14.32
C MET A 48 1.11 -3.00 13.22
N ALA A 49 0.94 -3.43 11.94
CA ALA A 49 1.23 -2.64 10.74
C ALA A 49 0.51 -1.26 10.68
N ILE A 50 -0.82 -1.20 11.00
CA ILE A 50 -1.55 0.08 10.94
C ILE A 50 -1.04 1.19 11.90
N PRO A 51 -0.90 0.96 13.23
CA PRO A 51 -0.41 2.04 14.10
C PRO A 51 0.97 2.51 13.67
N VAL A 52 1.83 1.58 13.16
CA VAL A 52 3.17 1.93 12.69
C VAL A 52 3.09 2.70 11.36
N LEU A 53 2.15 2.32 10.48
CA LEU A 53 1.94 3.05 9.24
C LEU A 53 1.60 4.53 9.56
N TRP A 54 0.73 4.79 10.58
CA TRP A 54 0.41 6.18 10.99
C TRP A 54 1.64 6.96 11.46
N LYS A 55 2.56 6.29 12.19
CA LYS A 55 3.78 6.92 12.68
C LYS A 55 4.67 7.27 11.52
N PHE A 56 4.76 6.35 10.55
CA PHE A 56 5.53 6.55 9.34
C PHE A 56 4.98 7.73 8.51
N LEU A 57 3.65 7.76 8.32
CA LEU A 57 2.99 8.78 7.48
C LEU A 57 3.03 10.13 8.07
N GLU A 58 3.09 10.19 9.42
CA GLU A 58 3.24 11.43 10.17
C GLU A 58 4.63 12.01 9.83
N LYS A 59 5.67 11.19 9.87
CA LYS A 59 7.05 11.60 9.60
C LYS A 59 7.31 11.76 8.07
N TYR A 60 6.79 10.83 7.23
CA TYR A 60 6.99 10.88 5.77
C TYR A 60 5.63 10.91 5.09
N PRO A 61 4.99 12.10 4.92
CA PRO A 61 3.63 12.11 4.37
C PRO A 61 3.56 12.02 2.86
N SER A 62 4.70 11.93 2.18
CA SER A 62 4.68 11.88 0.72
C SER A 62 5.87 11.14 0.18
N ALA A 63 5.77 10.72 -1.08
CA ALA A 63 6.85 10.08 -1.80
C ALA A 63 8.01 11.03 -1.98
N GLU A 64 7.70 12.34 -2.13
CA GLU A 64 8.67 13.43 -2.33
C GLU A 64 9.69 13.46 -1.19
N VAL A 65 9.21 13.28 0.05
CA VAL A 65 10.11 13.26 1.20
C VAL A 65 10.65 11.82 1.43
N ALA A 66 9.80 10.79 1.24
CA ALA A 66 10.21 9.39 1.47
C ALA A 66 11.41 8.97 0.61
N ARG A 67 11.48 9.42 -0.65
CA ARG A 67 12.60 9.13 -1.54
C ARG A 67 13.95 9.77 -1.13
N THR A 68 13.92 10.80 -0.25
CA THR A 68 15.11 11.53 0.22
C THR A 68 15.52 10.97 1.58
N ALA A 69 14.63 10.17 2.21
CA ALA A 69 14.86 9.59 3.53
C ALA A 69 16.07 8.68 3.61
N ASP A 70 16.65 8.62 4.80
CA ASP A 70 17.74 7.70 5.06
C ASP A 70 17.02 6.41 5.47
N TRP A 71 17.16 5.34 4.68
CA TRP A 71 16.50 4.05 4.97
C TRP A 71 16.73 3.55 6.40
N ARG A 72 17.91 3.86 7.00
CA ARG A 72 18.23 3.43 8.37
C ARG A 72 17.33 4.11 9.40
N ASP A 73 16.82 5.31 9.07
CA ASP A 73 15.87 6.06 9.89
C ASP A 73 14.55 5.34 9.77
N VAL A 74 14.17 5.00 8.52
CA VAL A 74 12.94 4.26 8.25
C VAL A 74 12.97 2.91 8.98
N SER A 75 14.10 2.20 8.90
CA SER A 75 14.28 0.88 9.51
C SER A 75 14.00 0.89 11.01
N GLU A 76 14.55 1.90 11.71
CA GLU A 76 14.39 2.07 13.15
C GLU A 76 12.94 2.18 13.53
N LEU A 77 12.18 2.90 12.72
CA LEU A 77 10.75 3.06 12.88
C LEU A 77 10.02 1.71 12.65
N LEU A 78 10.45 0.91 11.64
CA LEU A 78 9.79 -0.36 11.29
C LEU A 78 10.18 -1.55 12.19
N LYS A 79 11.16 -1.37 13.07
CA LYS A 79 11.66 -2.41 13.96
C LYS A 79 10.63 -3.42 14.54
N PRO A 80 9.52 -3.05 15.26
CA PRO A 80 8.59 -4.09 15.77
C PRO A 80 7.81 -4.88 14.72
N LEU A 81 7.73 -4.39 13.45
CA LEU A 81 7.04 -5.09 12.38
C LEU A 81 7.85 -6.23 11.79
N GLY A 82 9.20 -6.18 11.93
CA GLY A 82 10.07 -7.14 11.28
C GLY A 82 10.31 -6.71 9.85
N LEU A 83 11.18 -7.44 9.11
CA LEU A 83 11.55 -7.09 7.71
C LEU A 83 11.83 -5.57 7.61
N TYR A 84 12.41 -4.99 8.66
CA TYR A 84 12.63 -3.55 8.80
C TYR A 84 13.66 -2.99 7.85
N ASP A 85 14.77 -3.70 7.60
CA ASP A 85 15.81 -3.24 6.66
C ASP A 85 15.32 -3.46 5.26
N LEU A 86 14.77 -4.66 5.00
CA LEU A 86 14.20 -4.98 3.70
C LEU A 86 13.17 -3.95 3.33
N ARG A 87 12.19 -3.70 4.22
CA ARG A 87 11.12 -2.79 3.89
C ARG A 87 11.51 -1.33 3.86
N ALA A 88 12.49 -0.93 4.64
CA ALA A 88 12.97 0.47 4.64
C ALA A 88 13.65 0.80 3.31
N LYS A 89 14.52 -0.10 2.84
CA LYS A 89 15.21 0.09 1.57
C LYS A 89 14.15 0.07 0.43
N THR A 90 13.15 -0.84 0.55
CA THR A 90 12.07 -0.95 -0.43
C THR A 90 11.28 0.36 -0.52
N ILE A 91 10.91 0.92 0.61
CA ILE A 91 10.11 2.14 0.70
C ILE A 91 10.83 3.31 0.01
N VAL A 92 12.13 3.49 0.31
CA VAL A 92 12.91 4.58 -0.26
C VAL A 92 12.97 4.45 -1.79
N LYS A 93 13.33 3.26 -2.25
CA LYS A 93 13.47 2.95 -3.66
C LYS A 93 12.11 3.03 -4.37
N PHE A 94 11.08 2.44 -3.76
CA PHE A 94 9.73 2.47 -4.32
C PHE A 94 9.27 3.94 -4.49
N SER A 95 9.48 4.79 -3.44
CA SER A 95 9.09 6.19 -3.42
C SER A 95 9.77 6.97 -4.55
N ASP A 96 11.07 6.73 -4.77
CA ASP A 96 11.84 7.33 -5.87
C ASP A 96 11.23 6.89 -7.22
N GLU A 97 11.03 5.58 -7.40
CA GLU A 97 10.45 5.09 -8.68
C GLU A 97 9.05 5.62 -8.93
N TYR A 98 8.25 5.76 -7.84
CA TYR A 98 6.88 6.24 -7.90
C TYR A 98 6.80 7.61 -8.60
N LEU A 99 7.77 8.48 -8.33
CA LEU A 99 7.80 9.83 -8.89
C LEU A 99 8.60 9.94 -10.17
N THR A 100 9.61 9.07 -10.37
CA THR A 100 10.56 9.19 -11.49
C THR A 100 10.40 8.22 -12.64
N LYS A 101 9.79 7.05 -12.40
CA LYS A 101 9.56 6.09 -13.48
C LYS A 101 8.24 6.43 -14.15
N GLN A 102 8.13 6.03 -15.41
CA GLN A 102 6.92 6.21 -16.19
C GLN A 102 6.15 4.90 -16.00
N TRP A 103 5.18 4.92 -15.08
CA TRP A 103 4.38 3.73 -14.79
C TRP A 103 2.91 4.00 -15.01
N LYS A 104 2.16 2.94 -15.33
CA LYS A 104 0.72 3.03 -15.49
C LYS A 104 0.09 2.25 -14.35
N TYR A 105 0.69 1.08 -14.02
CA TYR A 105 0.30 0.21 -12.92
C TYR A 105 1.44 0.08 -11.95
N PRO A 106 1.17 0.12 -10.63
CA PRO A 106 2.28 0.09 -9.66
C PRO A 106 3.06 -1.20 -9.60
N ILE A 107 2.56 -2.29 -10.24
CA ILE A 107 3.32 -3.55 -10.32
C ILE A 107 4.72 -3.31 -11.00
N GLU A 108 4.82 -2.26 -11.83
CA GLU A 108 6.08 -1.90 -12.52
C GLU A 108 7.14 -1.37 -11.56
N LEU A 109 6.70 -0.94 -10.37
CA LEU A 109 7.53 -0.30 -9.37
C LEU A 109 8.13 -1.25 -8.36
N HIS A 110 9.37 -0.96 -7.98
CA HIS A 110 10.14 -1.69 -6.99
C HIS A 110 9.36 -1.96 -5.73
N GLY A 111 9.28 -3.23 -5.31
CA GLY A 111 8.57 -3.64 -4.09
C GLY A 111 7.07 -3.88 -4.24
N ILE A 112 6.49 -3.49 -5.39
CA ILE A 112 5.05 -3.71 -5.55
C ILE A 112 4.76 -4.92 -6.41
N GLY A 113 3.95 -5.82 -5.86
CA GLY A 113 3.52 -7.01 -6.55
C GLY A 113 2.01 -7.03 -6.73
N LYS A 114 1.45 -8.24 -6.79
CA LYS A 114 0.04 -8.52 -7.00
C LYS A 114 -0.88 -7.80 -6.00
N TYR A 115 -0.57 -7.90 -4.71
CA TYR A 115 -1.38 -7.30 -3.64
C TYR A 115 -1.56 -5.80 -3.82
N GLY A 116 -0.45 -5.08 -3.94
CA GLY A 116 -0.47 -3.64 -4.13
C GLY A 116 -1.14 -3.27 -5.44
N ASN A 117 -0.86 -4.05 -6.50
CA ASN A 117 -1.42 -3.82 -7.83
C ASN A 117 -2.92 -3.99 -7.84
N ASP A 118 -3.42 -5.11 -7.27
CA ASP A 118 -4.86 -5.39 -7.14
C ASP A 118 -5.55 -4.32 -6.28
N SER A 119 -4.90 -3.89 -5.16
CA SER A 119 -5.44 -2.81 -4.32
C SER A 119 -5.54 -1.52 -5.16
N TYR A 120 -4.49 -1.16 -5.93
CA TYR A 120 -4.53 0.06 -6.76
C TYR A 120 -5.69 0.06 -7.80
N ARG A 121 -5.85 -1.04 -8.54
CA ARG A 121 -6.85 -1.22 -9.59
C ARG A 121 -8.28 -1.32 -9.07
N ILE A 122 -8.46 -1.64 -7.79
CA ILE A 122 -9.78 -1.69 -7.20
C ILE A 122 -10.10 -0.33 -6.59
N PHE A 123 -9.13 0.30 -5.88
CA PHE A 123 -9.42 1.53 -5.14
C PHE A 123 -9.04 2.89 -5.77
N CYS A 124 -7.90 2.99 -6.47
CA CYS A 124 -7.39 4.24 -7.04
C CYS A 124 -7.87 4.50 -8.46
N VAL A 125 -8.07 3.42 -9.20
CA VAL A 125 -8.61 3.47 -10.55
C VAL A 125 -9.90 2.61 -10.59
N ASN A 126 -10.77 2.89 -11.55
CA ASN A 126 -12.03 2.17 -11.61
C ASN A 126 -11.90 0.92 -12.48
N GLU A 127 -11.08 -0.06 -12.03
CA GLU A 127 -10.83 -1.28 -12.80
C GLU A 127 -11.08 -2.55 -12.00
N TRP A 128 -11.88 -2.47 -10.93
CA TRP A 128 -12.14 -3.62 -10.06
C TRP A 128 -12.60 -4.87 -10.79
N LYS A 129 -13.34 -4.72 -11.93
CA LYS A 129 -13.83 -5.86 -12.71
C LYS A 129 -12.74 -6.70 -13.39
N GLN A 130 -11.60 -6.07 -13.68
CA GLN A 130 -10.46 -6.66 -14.37
C GLN A 130 -9.46 -7.37 -13.42
N VAL A 131 -9.68 -7.27 -12.11
CA VAL A 131 -8.82 -7.75 -11.03
C VAL A 131 -9.29 -9.11 -10.49
N HIS A 132 -8.34 -9.99 -10.08
CA HIS A 132 -8.60 -11.32 -9.51
C HIS A 132 -7.84 -11.36 -8.19
N PRO A 133 -8.37 -10.72 -7.11
CA PRO A 133 -7.60 -10.65 -5.87
C PRO A 133 -7.43 -11.99 -5.17
N GLU A 134 -6.28 -12.19 -4.51
CA GLU A 134 -5.98 -13.40 -3.75
C GLU A 134 -5.94 -13.12 -2.25
N ALA A 135 -5.64 -11.86 -1.83
CA ALA A 135 -5.66 -11.52 -0.40
C ALA A 135 -7.05 -11.76 0.13
N HIS A 136 -7.16 -12.51 1.22
CA HIS A 136 -8.42 -12.89 1.85
C HIS A 136 -9.45 -11.74 1.96
N LYS A 137 -9.09 -10.64 2.64
CA LYS A 137 -10.02 -9.52 2.80
C LYS A 137 -10.37 -8.86 1.48
N LEU A 138 -9.36 -8.63 0.63
CA LEU A 138 -9.50 -8.01 -0.68
C LEU A 138 -10.39 -8.85 -1.58
N ASN A 139 -10.20 -10.18 -1.54
CA ASN A 139 -11.01 -11.13 -2.30
C ASN A 139 -12.50 -11.06 -1.84
N LYS A 140 -12.76 -10.97 -0.51
CA LYS A 140 -14.14 -10.88 -0.01
C LYS A 140 -14.75 -9.54 -0.37
N TYR A 141 -13.91 -8.49 -0.35
CA TYR A 141 -14.35 -7.14 -0.68
C TYR A 141 -14.79 -7.12 -2.19
N HIS A 142 -13.96 -7.71 -3.04
CA HIS A 142 -14.18 -7.82 -4.49
C HIS A 142 -15.42 -8.67 -4.79
N ASP A 143 -15.63 -9.76 -4.04
CA ASP A 143 -16.85 -10.60 -4.14
C ASP A 143 -18.10 -9.78 -3.84
N TRP A 144 -17.99 -8.86 -2.85
CA TRP A 144 -19.08 -7.97 -2.43
C TRP A 144 -19.38 -6.95 -3.54
N LEU A 145 -18.34 -6.45 -4.23
CA LEU A 145 -18.52 -5.53 -5.36
C LEU A 145 -19.25 -6.22 -6.50
N TRP A 146 -18.85 -7.48 -6.82
CA TRP A 146 -19.50 -8.25 -7.88
C TRP A 146 -20.96 -8.55 -7.55
N GLU A 147 -21.22 -8.92 -6.29
CA GLU A 147 -22.56 -9.23 -5.82
C GLU A 147 -23.47 -8.00 -5.90
N ASN A 148 -22.95 -6.85 -5.45
CA ASN A 148 -23.66 -5.57 -5.41
C ASN A 148 -23.45 -4.68 -6.64
N HIS A 149 -23.13 -5.26 -7.82
CA HIS A 149 -22.92 -4.44 -9.02
C HIS A 149 -24.23 -4.19 -9.78
#